data_7YH3
#
_entry.id   7YH3
#
_cell.length_a   68.387
_cell.length_b   62.060
_cell.length_c   69.324
_cell.angle_alpha   90.000
_cell.angle_beta   100.460
_cell.angle_gamma   90.000
#
_symmetry.space_group_name_H-M   'P 1 21 1'
#
loop_
_entity.id
_entity.type
_entity.pdbx_description
1 polymer 'TRAPPC3 from Thorarchaeota SMTZ1-45'
2 non-polymer 'ZINC ION'
3 water water
#
_entity_poly.entity_id   1
_entity_poly.type   'polypeptide(L)'
_entity_poly.pdbx_seq_one_letter_code
;GPMPKVENPLLISLYSHYVEQILSETNSIDDANQKLRDLGKELGQQIYLNTEIVEKTKENVTTREEVAKLIENVYKVLFD
KKPKDVDMKTARGSVRITDDNCVWCQEVNLEGMRGFGYCEIFSGILESILEFKGVDAKVFQEMSKATGSDVCVWNVRLV
;
_entity_poly.pdbx_strand_id   A,B,C,D
#
# COMPACT_ATOMS: atom_id res chain seq x y z
N LYS A 5 -1.00 21.94 -6.27
CA LYS A 5 -0.02 22.91 -6.74
C LYS A 5 1.39 22.45 -6.36
N VAL A 6 1.71 22.59 -5.08
CA VAL A 6 3.03 22.23 -4.56
C VAL A 6 3.00 20.78 -4.09
N GLU A 7 3.85 19.96 -4.68
CA GLU A 7 3.96 18.56 -4.28
C GLU A 7 4.98 18.40 -3.16
N ASN A 8 4.65 17.54 -2.21
CA ASN A 8 5.42 17.27 -0.99
C ASN A 8 5.90 18.53 -0.30
N PRO A 9 4.99 19.33 0.29
CA PRO A 9 5.44 20.49 1.06
C PRO A 9 6.37 20.13 2.19
N LEU A 10 6.15 18.97 2.83
CA LEU A 10 7.01 18.56 3.94
C LEU A 10 8.44 18.32 3.48
N LEU A 11 8.60 17.59 2.36
CA LEU A 11 9.94 17.32 1.85
C LEU A 11 10.66 18.61 1.46
N ILE A 12 9.96 19.49 0.75
CA ILE A 12 10.64 20.70 0.27
C ILE A 12 10.98 21.62 1.43
N SER A 13 10.16 21.63 2.49
CA SER A 13 10.46 22.46 3.65
C SER A 13 11.62 21.90 4.46
N LEU A 14 11.65 20.58 4.68
CA LEU A 14 12.77 19.97 5.39
C LEU A 14 14.08 20.14 4.61
N TYR A 15 14.02 19.99 3.28
CA TYR A 15 15.21 20.18 2.48
C TYR A 15 15.65 21.65 2.47
N SER A 16 14.70 22.59 2.42
CA SER A 16 15.04 23.99 2.58
C SER A 16 15.82 24.22 3.86
N HIS A 17 15.38 23.61 4.97
CA HIS A 17 16.11 23.71 6.23
C HIS A 17 17.55 23.18 6.08
N TYR A 18 17.70 22.00 5.46
CA TYR A 18 19.04 21.44 5.26
C TYR A 18 19.92 22.38 4.43
N VAL A 19 19.37 22.95 3.35
CA VAL A 19 20.14 23.87 2.50
C VAL A 19 20.54 25.11 3.27
N GLU A 20 19.62 25.68 4.04
CA GLU A 20 19.93 26.84 4.86
C GLU A 20 21.09 26.55 5.80
N GLN A 21 21.06 25.38 6.44
CA GLN A 21 22.11 25.04 7.39
C GLN A 21 23.46 24.87 6.69
N ILE A 22 23.47 24.17 5.55
CA ILE A 22 24.73 23.96 4.84
CA ILE A 22 24.72 23.96 4.82
C ILE A 22 25.30 25.29 4.35
N LEU A 23 24.44 26.18 3.83
CA LEU A 23 24.92 27.48 3.40
C LEU A 23 25.50 28.27 4.57
N SER A 24 24.86 28.19 5.74
CA SER A 24 25.39 28.92 6.89
C SER A 24 26.71 28.32 7.37
N GLU A 25 26.94 27.03 7.12
CA GLU A 25 28.13 26.36 7.63
C GLU A 25 29.33 26.45 6.67
N THR A 26 29.08 26.50 5.37
CA THR A 26 30.17 26.47 4.40
C THR A 26 30.66 27.88 4.10
N ASN A 27 31.82 27.94 3.45
CA ASN A 27 32.46 29.22 3.12
C ASN A 27 32.45 29.52 1.63
N SER A 28 31.85 28.67 0.81
CA SER A 28 31.84 28.90 -0.63
C SER A 28 30.68 28.12 -1.24
N ILE A 29 30.25 28.58 -2.41
CA ILE A 29 29.20 27.89 -3.16
C ILE A 29 29.66 26.50 -3.58
N ASP A 30 30.94 26.38 -3.97
CA ASP A 30 31.48 25.09 -4.37
C ASP A 30 31.34 24.05 -3.25
N ASP A 31 31.79 24.42 -2.05
CA ASP A 31 31.71 23.48 -0.92
C ASP A 31 30.26 23.17 -0.56
N ALA A 32 29.37 24.16 -0.67
CA ALA A 32 27.96 23.89 -0.42
C ALA A 32 27.42 22.84 -1.39
N ASN A 33 27.76 22.99 -2.68
CA ASN A 33 27.39 21.98 -3.67
C ASN A 33 27.88 20.60 -3.26
N GLN A 34 29.16 20.51 -2.88
CA GLN A 34 29.72 19.20 -2.55
C GLN A 34 29.07 18.61 -1.30
N LYS A 35 28.72 19.45 -0.33
CA LYS A 35 28.06 18.97 0.88
C LYS A 35 26.67 18.43 0.56
N LEU A 36 25.95 19.09 -0.34
CA LEU A 36 24.64 18.58 -0.73
C LEU A 36 24.77 17.24 -1.47
N ARG A 37 25.78 17.12 -2.34
CA ARG A 37 26.06 15.83 -2.97
C ARG A 37 26.32 14.75 -1.94
N ASP A 38 27.14 15.06 -0.93
CA ASP A 38 27.46 14.06 0.09
C ASP A 38 26.23 13.64 0.88
N LEU A 39 25.36 14.61 1.21
CA LEU A 39 24.08 14.27 1.84
C LEU A 39 23.30 13.27 0.99
N GLY A 40 23.17 13.57 -0.31
CA GLY A 40 22.43 12.66 -1.18
C GLY A 40 23.03 11.27 -1.22
N LYS A 41 24.37 11.20 -1.26
CA LYS A 41 25.04 9.90 -1.29
C LYS A 41 24.77 9.12 -0.01
N GLU A 42 24.72 9.83 1.12
CA GLU A 42 24.41 9.15 2.39
C GLU A 42 22.99 8.61 2.40
N LEU A 43 22.04 9.35 1.83
CA LEU A 43 20.65 8.91 1.82
C LEU A 43 20.37 7.79 0.81
N GLY A 44 21.19 7.70 -0.24
CA GLY A 44 20.89 6.78 -1.34
C GLY A 44 20.60 5.34 -0.91
N GLN A 45 21.32 4.86 0.11
CA GLN A 45 21.12 3.48 0.57
C GLN A 45 19.71 3.26 1.08
N GLN A 46 19.31 4.04 2.09
CA GLN A 46 17.98 3.91 2.65
C GLN A 46 16.91 4.14 1.60
N ILE A 47 17.12 5.11 0.71
CA ILE A 47 16.14 5.36 -0.35
C ILE A 47 16.03 4.15 -1.26
N TYR A 48 17.16 3.48 -1.51
CA TYR A 48 17.19 2.30 -2.35
C TYR A 48 16.44 1.14 -1.70
N LEU A 49 16.57 0.98 -0.39
CA LEU A 49 15.89 -0.12 0.28
C LEU A 49 14.39 0.12 0.37
N ASN A 50 13.98 1.34 0.68
CA ASN A 50 12.57 1.67 0.91
C ASN A 50 11.78 1.82 -0.37
N THR A 51 12.31 1.41 -1.51
CA THR A 51 11.67 1.71 -2.78
C THR A 51 11.90 0.60 -3.81
N THR A 57 18.58 -7.38 -14.02
CA THR A 57 18.17 -8.70 -13.57
C THR A 57 19.37 -9.60 -13.28
N LYS A 58 20.10 -10.00 -14.33
CA LYS A 58 21.11 -11.05 -14.20
C LYS A 58 22.55 -10.53 -14.22
N GLU A 59 22.79 -9.33 -14.76
CA GLU A 59 24.14 -8.83 -14.93
C GLU A 59 24.06 -7.30 -14.94
N ASN A 60 25.11 -6.67 -14.42
CA ASN A 60 25.17 -5.21 -14.36
C ASN A 60 25.09 -4.60 -15.76
N VAL A 61 24.24 -3.57 -15.90
CA VAL A 61 24.12 -2.88 -17.18
C VAL A 61 25.36 -2.04 -17.44
N THR A 62 25.64 -1.76 -18.72
CA THR A 62 26.86 -1.06 -19.08
C THR A 62 26.64 0.03 -20.13
N THR A 63 25.74 -0.19 -21.07
CA THR A 63 25.58 0.76 -22.16
C THR A 63 24.87 2.03 -21.69
N ARG A 64 25.10 3.13 -22.42
CA ARG A 64 24.45 4.38 -22.06
C ARG A 64 22.95 4.31 -22.24
N GLU A 65 22.46 3.51 -23.19
CA GLU A 65 21.02 3.33 -23.32
C GLU A 65 20.43 2.61 -22.12
N GLU A 66 21.10 1.55 -21.65
CA GLU A 66 20.65 0.86 -20.44
C GLU A 66 20.73 1.78 -19.24
N VAL A 67 21.79 2.58 -19.15
CA VAL A 67 21.92 3.53 -18.04
C VAL A 67 20.78 4.54 -18.07
N ALA A 68 20.45 5.05 -19.26
CA ALA A 68 19.37 6.03 -19.38
C ALA A 68 18.03 5.40 -19.01
N LYS A 69 17.81 4.15 -19.40
CA LYS A 69 16.58 3.48 -19.02
C LYS A 69 16.51 3.28 -17.50
N LEU A 70 17.61 2.89 -16.89
CA LEU A 70 17.64 2.74 -15.43
C LEU A 70 17.39 4.10 -14.75
N ILE A 71 17.93 5.17 -15.31
CA ILE A 71 17.70 6.50 -14.76
C ILE A 71 16.23 6.87 -14.85
N GLU A 72 15.61 6.60 -16.01
CA GLU A 72 14.17 6.83 -16.15
C GLU A 72 13.37 6.03 -15.14
N ASN A 73 13.76 4.76 -14.92
CA ASN A 73 13.04 3.93 -13.95
C ASN A 73 13.20 4.46 -12.53
N VAL A 74 14.42 4.86 -12.16
CA VAL A 74 14.67 5.43 -10.83
C VAL A 74 13.88 6.72 -10.64
N TYR A 75 13.82 7.54 -11.69
CA TYR A 75 13.07 8.79 -11.59
C TYR A 75 11.58 8.52 -11.44
N LYS A 76 11.04 7.55 -12.19
CA LYS A 76 9.66 7.14 -12.00
C LYS A 76 9.41 6.66 -10.58
N VAL A 77 10.34 5.90 -10.03
CA VAL A 77 10.15 5.32 -8.71
C VAL A 77 10.18 6.40 -7.63
N LEU A 78 11.05 7.40 -7.78
CA LEU A 78 11.20 8.41 -6.73
C LEU A 78 10.19 9.56 -6.88
N PHE A 79 9.75 9.85 -8.10
CA PHE A 79 8.98 11.07 -8.36
C PHE A 79 7.68 10.82 -9.11
N ASP A 80 7.26 9.56 -9.26
CA ASP A 80 5.96 9.22 -9.85
C ASP A 80 5.80 9.75 -11.28
N LYS A 81 6.91 9.95 -11.98
CA LYS A 81 6.84 10.54 -13.32
C LYS A 81 8.15 10.27 -14.04
N LYS A 82 8.12 10.48 -15.34
CA LYS A 82 9.31 10.40 -16.16
C LYS A 82 10.03 11.74 -16.19
N PRO A 83 11.33 11.76 -16.43
CA PRO A 83 12.04 13.03 -16.54
C PRO A 83 11.65 13.77 -17.82
N LYS A 84 11.69 15.10 -17.75
CA LYS A 84 11.40 15.92 -18.93
C LYS A 84 12.24 15.50 -20.12
N ASP A 85 13.52 15.21 -19.89
CA ASP A 85 14.39 14.77 -20.98
C ASP A 85 15.53 13.94 -20.40
N VAL A 86 15.93 12.92 -21.12
CA VAL A 86 17.13 12.15 -20.81
C VAL A 86 17.96 12.13 -22.09
N ASP A 87 19.12 12.77 -22.07
CA ASP A 87 19.83 13.15 -23.28
C ASP A 87 21.21 12.51 -23.30
N MET A 88 21.47 11.70 -24.33
CA MET A 88 22.76 11.06 -24.53
C MET A 88 23.47 11.59 -25.78
N LYS A 89 23.26 12.86 -26.11
CA LYS A 89 23.79 13.41 -27.36
C LYS A 89 24.62 14.67 -27.16
N THR A 90 24.22 15.55 -26.24
CA THR A 90 24.86 16.87 -26.15
C THR A 90 26.29 16.77 -25.64
N ALA A 91 26.50 16.06 -24.54
CA ALA A 91 27.79 16.12 -23.86
C ALA A 91 28.75 14.99 -24.23
N ARG A 92 28.24 13.82 -24.60
CA ARG A 92 29.04 12.66 -25.02
C ARG A 92 29.88 12.10 -23.87
N GLY A 93 29.71 10.80 -23.61
CA GLY A 93 30.26 10.20 -22.41
C GLY A 93 29.46 10.49 -21.16
N SER A 94 28.32 11.16 -21.29
CA SER A 94 27.50 11.49 -20.14
C SER A 94 26.04 11.56 -20.56
N VAL A 95 25.16 11.47 -19.57
CA VAL A 95 23.72 11.49 -19.74
C VAL A 95 23.19 12.70 -18.97
N ARG A 96 22.47 13.57 -19.65
CA ARG A 96 21.93 14.78 -19.04
C ARG A 96 20.45 14.59 -18.76
N ILE A 97 20.06 14.76 -17.50
CA ILE A 97 18.69 14.56 -17.05
C ILE A 97 18.08 15.93 -16.78
N THR A 98 16.95 16.20 -17.44
CA THR A 98 16.26 17.48 -17.37
C THR A 98 14.86 17.26 -16.80
N ASP A 99 14.50 18.11 -15.85
CA ASP A 99 13.19 18.08 -15.20
C ASP A 99 12.69 19.52 -15.11
N ASP A 100 11.51 19.77 -15.66
CA ASP A 100 10.95 21.12 -15.66
C ASP A 100 10.14 21.44 -14.42
N ASN A 101 9.83 20.44 -13.59
CA ASN A 101 9.11 20.64 -12.34
C ASN A 101 9.78 19.82 -11.25
N CYS A 102 11.07 20.12 -11.02
CA CYS A 102 11.84 19.48 -9.95
C CYS A 102 11.14 19.60 -8.61
N VAL A 103 11.03 18.48 -7.89
CA VAL A 103 10.35 18.53 -6.61
C VAL A 103 11.13 19.37 -5.60
N TRP A 104 12.46 19.38 -5.69
CA TRP A 104 13.26 19.98 -4.62
C TRP A 104 13.12 21.50 -4.56
N CYS A 105 13.04 22.16 -5.70
CA CYS A 105 13.13 23.61 -5.75
C CYS A 105 11.81 24.29 -6.11
N GLN A 106 10.68 23.63 -5.89
CA GLN A 106 9.38 24.24 -6.19
C GLN A 106 9.23 25.57 -5.45
N GLU A 107 8.89 26.63 -6.20
CA GLU A 107 8.63 27.96 -5.65
C GLU A 107 9.86 28.58 -4.98
N VAL A 108 11.05 28.07 -5.26
CA VAL A 108 12.29 28.59 -4.68
C VAL A 108 12.90 29.56 -5.68
N ASN A 109 13.14 30.80 -5.25
CA ASN A 109 13.70 31.83 -6.11
C ASN A 109 14.84 32.52 -5.37
N LEU A 110 16.08 32.13 -5.69
CA LEU A 110 17.26 32.72 -5.10
C LEU A 110 17.89 33.72 -6.06
N GLU A 111 18.42 34.81 -5.52
CA GLU A 111 19.05 35.85 -6.30
C GLU A 111 20.55 35.86 -6.05
N GLY A 112 21.31 36.15 -7.11
CA GLY A 112 22.76 36.22 -6.98
C GLY A 112 23.38 34.92 -6.54
N MET A 113 22.84 33.79 -7.00
CA MET A 113 23.33 32.48 -6.58
C MET A 113 23.50 31.54 -7.77
N ARG A 114 23.72 32.09 -8.96
CA ARG A 114 24.01 31.23 -10.11
C ARG A 114 25.31 30.47 -9.85
N GLY A 115 25.30 29.18 -10.17
CA GLY A 115 26.41 28.32 -9.85
C GLY A 115 26.21 27.52 -8.57
N PHE A 116 25.22 27.90 -7.75
CA PHE A 116 24.83 27.10 -6.61
C PHE A 116 23.79 26.08 -7.06
N GLY A 117 24.13 24.80 -6.91
CA GLY A 117 23.20 23.75 -7.26
C GLY A 117 22.27 23.42 -6.11
N TYR A 118 21.19 24.19 -5.98
CA TYR A 118 20.25 24.02 -4.88
C TYR A 118 19.79 22.57 -4.74
N CYS A 119 19.71 21.84 -5.85
CA CYS A 119 19.15 20.49 -5.89
C CYS A 119 20.22 19.40 -6.03
N GLU A 120 21.45 19.67 -5.55
CA GLU A 120 22.54 18.70 -5.69
C GLU A 120 22.33 17.43 -4.84
N ILE A 121 21.40 17.46 -3.88
CA ILE A 121 21.09 16.23 -3.14
C ILE A 121 20.73 15.12 -4.12
N PHE A 122 20.04 15.47 -5.21
CA PHE A 122 19.68 14.44 -6.17
C PHE A 122 20.89 13.91 -6.91
N SER A 123 21.89 14.76 -7.18
CA SER A 123 23.15 14.26 -7.73
C SER A 123 23.69 13.12 -6.86
N GLY A 124 23.73 13.35 -5.55
CA GLY A 124 24.24 12.32 -4.65
C GLY A 124 23.37 11.07 -4.63
N ILE A 125 22.05 11.26 -4.58
CA ILE A 125 21.14 10.11 -4.54
C ILE A 125 21.34 9.24 -5.77
N LEU A 126 21.40 9.89 -6.94
CA LEU A 126 21.54 9.14 -8.19
C LEU A 126 22.90 8.47 -8.28
N GLU A 127 23.96 9.15 -7.81
CA GLU A 127 25.28 8.53 -7.86
C GLU A 127 25.34 7.27 -7.01
N SER A 128 24.75 7.31 -5.80
CA SER A 128 24.74 6.14 -4.94
C SER A 128 23.90 5.02 -5.52
N ILE A 129 22.71 5.34 -6.05
CA ILE A 129 21.86 4.30 -6.63
C ILE A 129 22.56 3.62 -7.80
N LEU A 130 23.18 4.41 -8.68
CA LEU A 130 23.94 3.83 -9.79
C LEU A 130 25.07 2.95 -9.28
N GLU A 131 25.79 3.40 -8.26
CA GLU A 131 26.86 2.59 -7.69
C GLU A 131 26.34 1.24 -7.20
N PHE A 132 25.17 1.24 -6.55
CA PHE A 132 24.57 -0.02 -6.10
C PHE A 132 24.26 -0.95 -7.26
N LYS A 133 23.98 -0.39 -8.44
CA LYS A 133 23.64 -1.20 -9.60
C LYS A 133 24.84 -1.52 -10.48
N GLY A 134 26.06 -1.31 -9.97
CA GLY A 134 27.25 -1.60 -10.75
C GLY A 134 27.62 -0.58 -11.78
N VAL A 135 27.15 0.66 -11.64
CA VAL A 135 27.43 1.75 -12.58
C VAL A 135 28.19 2.82 -11.82
N ASP A 136 29.48 2.99 -12.14
CA ASP A 136 30.32 3.99 -11.48
C ASP A 136 30.21 5.30 -12.25
N ALA A 137 29.82 6.38 -11.55
CA ALA A 137 29.56 7.63 -12.21
C ALA A 137 29.82 8.79 -11.27
N LYS A 138 29.99 9.97 -11.85
CA LYS A 138 30.03 11.23 -11.13
C LYS A 138 28.88 12.10 -11.62
N VAL A 139 28.15 12.69 -10.68
CA VAL A 139 26.95 13.46 -11.01
C VAL A 139 27.08 14.84 -10.37
N PHE A 140 26.79 15.88 -11.16
CA PHE A 140 26.68 17.23 -10.64
C PHE A 140 25.48 17.90 -11.26
N GLN A 141 24.99 18.95 -10.62
CA GLN A 141 23.84 19.69 -11.13
C GLN A 141 24.32 20.72 -12.15
N GLU A 142 23.82 20.61 -13.38
CA GLU A 142 24.21 21.55 -14.41
C GLU A 142 23.49 22.88 -14.24
N MET A 143 22.19 22.84 -13.91
CA MET A 143 21.51 24.09 -13.60
C MET A 143 20.27 23.82 -12.77
N SER A 144 19.77 24.87 -12.12
CA SER A 144 18.65 24.80 -11.20
C SER A 144 17.67 25.93 -11.48
N LYS A 145 16.38 25.61 -11.50
CA LYS A 145 15.36 26.64 -11.57
C LYS A 145 15.38 27.54 -10.34
N ALA A 146 15.89 27.04 -9.22
CA ALA A 146 16.00 27.85 -8.01
C ALA A 146 16.88 29.07 -8.22
N THR A 147 17.84 29.00 -9.13
CA THR A 147 18.77 30.10 -9.37
C THR A 147 18.50 30.83 -10.69
N GLY A 148 17.34 30.63 -11.30
CA GLY A 148 16.93 31.40 -12.47
C GLY A 148 16.74 30.60 -13.75
N SER A 149 17.23 29.37 -13.84
CA SER A 149 17.04 28.60 -15.06
C SER A 149 15.58 28.23 -15.25
N ASP A 150 15.24 27.85 -16.47
CA ASP A 150 13.88 27.41 -16.77
C ASP A 150 13.62 25.98 -16.35
N VAL A 151 14.67 25.17 -16.20
CA VAL A 151 14.53 23.77 -15.79
C VAL A 151 15.71 23.41 -14.89
N CYS A 152 15.64 22.21 -14.31
CA CYS A 152 16.75 21.63 -13.58
C CYS A 152 17.42 20.56 -14.43
N VAL A 153 18.75 20.57 -14.43
CA VAL A 153 19.53 19.62 -15.23
C VAL A 153 20.67 19.09 -14.37
N TRP A 154 20.79 17.76 -14.33
CA TRP A 154 21.87 17.04 -13.67
C TRP A 154 22.67 16.29 -14.73
N ASN A 155 23.99 16.27 -14.57
CA ASN A 155 24.90 15.67 -15.55
C ASN A 155 25.50 14.41 -14.94
N VAL A 156 25.27 13.27 -15.58
CA VAL A 156 25.76 11.97 -15.11
C VAL A 156 26.92 11.57 -16.01
N ARG A 157 28.13 11.58 -15.48
CA ARG A 157 29.31 11.22 -16.27
C ARG A 157 29.76 9.81 -15.89
N LEU A 158 29.74 8.90 -16.86
CA LEU A 158 30.21 7.55 -16.63
C LEU A 158 31.73 7.53 -16.55
N VAL A 159 32.26 7.14 -15.40
CA VAL A 159 33.69 7.11 -15.20
C VAL A 159 34.20 5.67 -15.36
N LYS B 5 -6.50 -17.51 13.13
CA LYS B 5 -6.11 -18.78 12.54
C LYS B 5 -6.41 -18.82 11.04
N VAL B 6 -7.59 -18.33 10.67
CA VAL B 6 -8.05 -18.41 9.28
C VAL B 6 -7.30 -17.38 8.45
N GLU B 7 -6.47 -17.85 7.52
CA GLU B 7 -5.78 -16.98 6.59
C GLU B 7 -6.65 -16.71 5.37
N ASN B 8 -6.68 -15.44 4.93
CA ASN B 8 -7.45 -14.98 3.79
C ASN B 8 -8.91 -15.41 3.88
N PRO B 9 -9.66 -14.89 4.86
CA PRO B 9 -11.06 -15.33 5.01
C PRO B 9 -11.97 -14.97 3.84
N LEU B 10 -11.69 -13.87 3.13
CA LEU B 10 -12.49 -13.54 1.96
C LEU B 10 -12.38 -14.63 0.89
N LEU B 11 -11.16 -15.09 0.63
CA LEU B 11 -10.96 -16.14 -0.36
C LEU B 11 -11.74 -17.39 0.01
N ILE B 12 -11.65 -17.82 1.26
CA ILE B 12 -12.28 -19.08 1.61
C ILE B 12 -13.80 -18.95 1.63
N SER B 13 -14.33 -17.77 1.98
CA SER B 13 -15.79 -17.63 1.94
C SER B 13 -16.31 -17.55 0.51
N LEU B 14 -15.58 -16.88 -0.39
CA LEU B 14 -16.00 -16.83 -1.79
C LEU B 14 -15.92 -18.22 -2.43
N TYR B 15 -14.84 -18.94 -2.16
CA TYR B 15 -14.73 -20.31 -2.68
C TYR B 15 -15.81 -21.21 -2.09
N SER B 16 -16.15 -21.02 -0.82
CA SER B 16 -17.25 -21.78 -0.22
C SER B 16 -18.56 -21.55 -0.96
N HIS B 17 -18.84 -20.29 -1.31
CA HIS B 17 -20.03 -20.00 -2.11
C HIS B 17 -19.99 -20.73 -3.45
N TYR B 18 -18.83 -20.73 -4.11
CA TYR B 18 -18.72 -21.45 -5.38
C TYR B 18 -18.96 -22.96 -5.21
N VAL B 19 -18.35 -23.55 -4.17
CA VAL B 19 -18.55 -24.98 -3.93
C VAL B 19 -20.02 -25.28 -3.68
N GLU B 20 -20.69 -24.40 -2.92
CA GLU B 20 -22.11 -24.57 -2.67
C GLU B 20 -22.89 -24.59 -3.98
N GLN B 21 -22.59 -23.65 -4.87
CA GLN B 21 -23.32 -23.57 -6.13
C GLN B 21 -23.04 -24.78 -7.02
N ILE B 22 -21.79 -25.23 -7.06
CA ILE B 22 -21.43 -26.37 -7.88
C ILE B 22 -22.14 -27.63 -7.38
N LEU B 23 -22.11 -27.86 -6.06
CA LEU B 23 -22.83 -29.00 -5.51
C LEU B 23 -24.33 -28.91 -5.76
N SER B 24 -24.88 -27.69 -5.78
CA SER B 24 -26.31 -27.56 -6.05
C SER B 24 -26.65 -27.84 -7.51
N GLU B 25 -25.74 -27.50 -8.43
CA GLU B 25 -26.04 -27.59 -9.85
C GLU B 25 -25.64 -28.92 -10.49
N THR B 26 -24.67 -29.63 -9.91
CA THR B 26 -24.21 -30.87 -10.54
C THR B 26 -25.16 -32.02 -10.18
N ASN B 27 -24.99 -33.14 -10.90
CA ASN B 27 -25.80 -34.33 -10.67
C ASN B 27 -25.04 -35.46 -10.02
N SER B 28 -23.72 -35.33 -9.88
CA SER B 28 -22.91 -36.33 -9.21
C SER B 28 -21.70 -35.63 -8.60
N ILE B 29 -21.13 -36.26 -7.57
CA ILE B 29 -19.93 -35.71 -6.93
C ILE B 29 -18.75 -35.75 -7.90
N ASP B 30 -18.70 -36.76 -8.77
CA ASP B 30 -17.66 -36.80 -9.80
C ASP B 30 -17.75 -35.57 -10.72
N ASP B 31 -18.98 -35.23 -11.13
CA ASP B 31 -19.16 -34.04 -11.95
CA ASP B 31 -19.18 -34.04 -11.95
C ASP B 31 -18.78 -32.78 -11.19
N ALA B 32 -19.06 -32.73 -9.89
CA ALA B 32 -18.68 -31.58 -9.10
C ALA B 32 -17.15 -31.45 -9.02
N ASN B 33 -16.46 -32.58 -8.84
CA ASN B 33 -15.00 -32.56 -8.84
C ASN B 33 -14.47 -31.99 -10.14
N GLN B 34 -15.06 -32.42 -11.27
CA GLN B 34 -14.60 -31.91 -12.55
C GLN B 34 -14.92 -30.43 -12.73
N LYS B 35 -16.07 -29.97 -12.22
CA LYS B 35 -16.41 -28.57 -12.32
C LYS B 35 -15.43 -27.69 -11.55
N LEU B 36 -15.03 -28.15 -10.36
CA LEU B 36 -14.03 -27.41 -9.60
C LEU B 36 -12.68 -27.40 -10.32
N ARG B 37 -12.26 -28.54 -10.90
CA ARG B 37 -11.04 -28.54 -11.69
C ARG B 37 -11.11 -27.56 -12.85
N ASP B 38 -12.25 -27.54 -13.56
CA ASP B 38 -12.43 -26.61 -14.67
C ASP B 38 -12.30 -25.16 -14.22
N LEU B 39 -12.91 -24.83 -13.07
CA LEU B 39 -12.78 -23.49 -12.52
C LEU B 39 -11.32 -23.12 -12.27
N GLY B 40 -10.58 -24.04 -11.65
CA GLY B 40 -9.16 -23.78 -11.41
C GLY B 40 -8.40 -23.55 -12.70
N LYS B 41 -8.72 -24.34 -13.72
CA LYS B 41 -8.04 -24.17 -15.01
C LYS B 41 -8.33 -22.80 -15.61
N GLU B 42 -9.56 -22.32 -15.44
CA GLU B 42 -9.89 -20.97 -15.94
C GLU B 42 -9.10 -19.91 -15.19
N LEU B 43 -8.97 -20.06 -13.87
CA LEU B 43 -8.23 -19.06 -13.09
C LEU B 43 -6.73 -19.09 -13.38
N GLY B 44 -6.20 -20.25 -13.76
CA GLY B 44 -4.76 -20.40 -13.90
C GLY B 44 -4.11 -19.43 -14.86
N GLN B 45 -4.81 -19.05 -15.93
CA GLN B 45 -4.25 -18.12 -16.89
C GLN B 45 -3.98 -16.76 -16.24
N GLN B 46 -5.00 -16.21 -15.58
CA GLN B 46 -4.84 -14.91 -14.93
C GLN B 46 -3.82 -14.98 -13.80
N ILE B 47 -3.84 -16.07 -13.03
CA ILE B 47 -2.89 -16.22 -11.93
C ILE B 47 -1.47 -16.26 -12.46
N TYR B 48 -1.22 -17.08 -13.48
CA TYR B 48 0.11 -17.17 -14.07
C TYR B 48 0.56 -15.84 -14.65
N LEU B 49 -0.37 -15.06 -15.21
CA LEU B 49 0.02 -13.81 -15.86
C LEU B 49 0.14 -12.63 -14.91
N ASN B 50 -0.38 -12.73 -13.69
N ASN B 50 -0.40 -12.70 -13.69
CA ASN B 50 -0.41 -11.61 -12.76
CA ASN B 50 -0.32 -11.55 -12.80
C ASN B 50 0.34 -11.91 -11.46
C ASN B 50 0.45 -11.83 -11.50
N THR B 51 1.20 -12.92 -11.45
CA THR B 51 2.07 -13.18 -10.30
C THR B 51 3.52 -13.24 -10.77
N GLU B 52 4.42 -13.60 -9.85
CA GLU B 52 5.85 -13.66 -10.11
C GLU B 52 6.32 -15.05 -10.53
N ILE B 53 5.41 -15.90 -11.01
CA ILE B 53 5.78 -17.28 -11.34
C ILE B 53 6.72 -17.32 -12.54
N VAL B 54 6.44 -16.50 -13.56
CA VAL B 54 7.33 -16.43 -14.72
C VAL B 54 8.75 -16.07 -14.28
N GLU B 55 8.87 -15.15 -13.32
CA GLU B 55 10.18 -14.68 -12.91
C GLU B 55 10.87 -15.63 -11.93
N LYS B 56 10.11 -16.34 -11.10
CA LYS B 56 10.67 -17.13 -10.02
C LYS B 56 10.57 -18.63 -10.26
N THR B 57 10.56 -19.06 -11.52
CA THR B 57 10.55 -20.47 -11.87
C THR B 57 11.51 -20.71 -13.02
N LYS B 58 11.99 -21.95 -13.13
CA LYS B 58 12.92 -22.31 -14.18
C LYS B 58 12.28 -22.16 -15.55
N GLU B 59 13.09 -21.76 -16.53
CA GLU B 59 12.61 -21.47 -17.88
C GLU B 59 11.90 -22.66 -18.51
N ASN B 60 12.64 -23.74 -18.76
CA ASN B 60 12.10 -24.96 -19.30
C ASN B 60 12.19 -26.08 -18.26
N VAL B 61 11.11 -26.82 -18.10
CA VAL B 61 11.03 -27.89 -17.12
C VAL B 61 10.77 -29.19 -17.85
N THR B 62 11.70 -30.14 -17.71
CA THR B 62 11.61 -31.43 -18.38
C THR B 62 11.55 -32.58 -17.39
N THR B 63 12.52 -32.69 -16.49
CA THR B 63 12.59 -33.82 -15.58
C THR B 63 11.54 -33.70 -14.49
N ARG B 64 11.24 -34.83 -13.85
CA ARG B 64 10.30 -34.82 -12.73
C ARG B 64 10.89 -34.10 -11.52
N GLU B 65 12.21 -34.12 -11.37
CA GLU B 65 12.83 -33.30 -10.32
C GLU B 65 12.56 -31.82 -10.56
N GLU B 66 12.66 -31.38 -11.81
CA GLU B 66 12.35 -30.00 -12.13
C GLU B 66 10.86 -29.70 -11.97
N VAL B 67 10.00 -30.70 -12.20
CA VAL B 67 8.57 -30.50 -11.94
C VAL B 67 8.32 -30.34 -10.45
N ALA B 68 9.00 -31.14 -9.62
CA ALA B 68 8.87 -30.99 -8.17
C ALA B 68 9.33 -29.61 -7.71
N LYS B 69 10.48 -29.15 -8.22
CA LYS B 69 10.95 -27.81 -7.89
C LYS B 69 9.99 -26.74 -8.37
N LEU B 70 9.43 -26.91 -9.58
CA LEU B 70 8.46 -25.96 -10.09
CA LEU B 70 8.46 -25.96 -10.09
C LEU B 70 7.24 -25.87 -9.18
N ILE B 71 6.74 -27.02 -8.73
CA ILE B 71 5.60 -27.04 -7.82
C ILE B 71 5.95 -26.31 -6.53
N GLU B 72 7.16 -26.56 -6.00
CA GLU B 72 7.61 -25.87 -4.79
C GLU B 72 7.63 -24.35 -4.99
N ASN B 73 8.11 -23.89 -6.15
CA ASN B 73 8.23 -22.45 -6.36
C ASN B 73 6.87 -21.81 -6.58
N VAL B 74 5.96 -22.51 -7.27
CA VAL B 74 4.59 -22.01 -7.40
C VAL B 74 3.93 -21.92 -6.03
N TYR B 75 4.19 -22.91 -5.17
CA TYR B 75 3.63 -22.87 -3.82
C TYR B 75 4.20 -21.71 -3.01
N LYS B 76 5.50 -21.45 -3.14
CA LYS B 76 6.10 -20.30 -2.47
C LYS B 76 5.49 -18.99 -2.98
N VAL B 77 5.25 -18.89 -4.28
CA VAL B 77 4.70 -17.66 -4.84
C VAL B 77 3.26 -17.45 -4.38
N LEU B 78 2.48 -18.52 -4.29
CA LEU B 78 1.07 -18.40 -3.98
C LEU B 78 0.76 -18.37 -2.48
N PHE B 79 1.63 -18.94 -1.64
CA PHE B 79 1.31 -19.04 -0.22
C PHE B 79 2.46 -18.69 0.71
N ASP B 80 3.61 -18.27 0.18
CA ASP B 80 4.78 -17.92 0.99
C ASP B 80 5.18 -19.06 1.93
N LYS B 81 5.17 -20.29 1.40
CA LYS B 81 5.56 -21.44 2.18
C LYS B 81 5.85 -22.58 1.21
N LYS B 82 6.71 -23.49 1.65
CA LYS B 82 6.87 -24.73 0.90
C LYS B 82 5.79 -25.71 1.32
N PRO B 83 5.29 -26.53 0.38
CA PRO B 83 4.34 -27.58 0.75
C PRO B 83 4.98 -28.53 1.76
N LYS B 84 4.13 -29.17 2.56
CA LYS B 84 4.66 -30.11 3.55
C LYS B 84 5.51 -31.18 2.87
N ASP B 85 5.07 -31.68 1.72
CA ASP B 85 5.87 -32.69 1.04
C ASP B 85 5.61 -32.66 -0.46
N VAL B 86 6.66 -32.90 -1.23
CA VAL B 86 6.57 -33.14 -2.67
C VAL B 86 7.25 -34.48 -2.92
N ASP B 87 6.49 -35.48 -3.34
CA ASP B 87 6.94 -36.86 -3.42
C ASP B 87 6.99 -37.31 -4.87
N MET B 88 8.17 -37.72 -5.32
CA MET B 88 8.36 -38.24 -6.67
C MET B 88 8.43 -39.76 -6.72
N LYS B 89 8.49 -40.44 -5.58
CA LYS B 89 8.60 -41.90 -5.53
C LYS B 89 7.24 -42.54 -5.33
N THR B 90 6.27 -42.17 -6.16
CA THR B 90 4.91 -42.67 -6.03
C THR B 90 4.79 -44.13 -6.41
N ARG B 92 3.88 -44.74 -9.92
CA ARG B 92 3.98 -44.95 -11.35
C ARG B 92 4.46 -43.70 -12.07
N GLY B 93 5.23 -42.86 -11.37
CA GLY B 93 5.79 -41.67 -11.98
C GLY B 93 5.02 -40.39 -11.74
N SER B 94 4.00 -40.41 -10.90
CA SER B 94 3.30 -39.18 -10.55
C SER B 94 4.09 -38.43 -9.47
N VAL B 95 3.71 -37.16 -9.27
CA VAL B 95 4.26 -36.32 -8.22
C VAL B 95 3.12 -35.97 -7.27
N ARG B 96 3.27 -36.33 -6.01
CA ARG B 96 2.22 -36.12 -5.02
C ARG B 96 2.60 -34.95 -4.12
N ILE B 97 1.71 -33.94 -4.06
CA ILE B 97 1.91 -32.76 -3.23
C ILE B 97 1.03 -32.88 -2.00
N THR B 98 1.63 -32.74 -0.83
CA THR B 98 0.94 -32.80 0.45
C THR B 98 1.06 -31.47 1.17
N ASP B 99 -0.08 -30.95 1.63
CA ASP B 99 -0.16 -29.68 2.36
C ASP B 99 -0.99 -29.93 3.61
N ASP B 100 -0.42 -29.60 4.77
CA ASP B 100 -1.07 -29.81 6.05
C ASP B 100 -1.80 -28.57 6.54
N ASN B 101 -1.74 -27.46 5.80
CA ASN B 101 -2.53 -26.27 6.11
C ASN B 101 -2.99 -25.66 4.79
N CYS B 102 -3.74 -26.45 4.02
CA CYS B 102 -4.30 -25.98 2.76
C CYS B 102 -5.16 -24.73 2.99
N VAL B 103 -5.04 -23.75 2.08
CA VAL B 103 -5.76 -22.50 2.28
C VAL B 103 -7.25 -22.67 2.01
N TRP B 104 -7.61 -23.57 1.09
CA TRP B 104 -8.99 -23.61 0.59
C TRP B 104 -9.96 -24.17 1.64
N CYS B 105 -9.53 -25.16 2.42
CA CYS B 105 -10.45 -25.87 3.30
C CYS B 105 -10.22 -25.54 4.77
N GLN B 106 -9.60 -24.40 5.07
CA GLN B 106 -9.41 -23.99 6.46
C GLN B 106 -10.73 -24.00 7.21
N GLU B 107 -10.76 -24.75 8.32
CA GLU B 107 -11.91 -24.83 9.21
C GLU B 107 -13.16 -25.38 8.51
N VAL B 108 -12.99 -26.01 7.34
CA VAL B 108 -14.09 -26.68 6.66
C VAL B 108 -14.16 -28.12 7.15
N ASN B 109 -15.36 -28.56 7.52
CA ASN B 109 -15.58 -29.93 8.01
C ASN B 109 -16.89 -30.43 7.43
N LEU B 110 -16.80 -31.30 6.45
CA LEU B 110 -17.95 -31.93 5.82
C LEU B 110 -18.03 -33.40 6.25
N GLU B 111 -19.22 -33.85 6.60
CA GLU B 111 -19.44 -35.23 7.01
C GLU B 111 -20.09 -36.02 5.88
N GLY B 112 -19.63 -37.25 5.70
CA GLY B 112 -20.21 -38.12 4.69
C GLY B 112 -19.97 -37.68 3.25
N MET B 113 -18.84 -37.01 2.98
CA MET B 113 -18.56 -36.56 1.63
CA MET B 113 -18.53 -36.51 1.66
C MET B 113 -17.17 -37.01 1.18
N ARG B 114 -16.66 -38.10 1.74
CA ARG B 114 -15.40 -38.64 1.27
C ARG B 114 -15.52 -38.96 -0.21
N GLY B 115 -14.48 -38.63 -0.97
CA GLY B 115 -14.52 -38.73 -2.41
C GLY B 115 -14.84 -37.42 -3.11
N PHE B 116 -15.41 -36.47 -2.39
CA PHE B 116 -15.60 -35.12 -2.93
C PHE B 116 -14.33 -34.33 -2.69
N GLY B 117 -13.68 -33.91 -3.78
CA GLY B 117 -12.48 -33.13 -3.65
C GLY B 117 -12.79 -31.66 -3.46
N TYR B 118 -13.01 -31.27 -2.20
CA TYR B 118 -13.41 -29.89 -1.91
C TYR B 118 -12.43 -28.88 -2.50
N CYS B 119 -11.14 -29.22 -2.54
CA CYS B 119 -10.08 -28.32 -2.96
C CYS B 119 -9.60 -28.57 -4.40
N GLU B 120 -10.46 -29.12 -5.27
CA GLU B 120 -10.04 -29.46 -6.63
C GLU B 120 -9.73 -28.22 -7.48
N ILE B 121 -10.14 -27.03 -7.04
CA ILE B 121 -9.75 -25.81 -7.75
C ILE B 121 -8.23 -25.75 -7.90
N PHE B 122 -7.50 -26.20 -6.88
CA PHE B 122 -6.04 -26.16 -6.98
C PHE B 122 -5.52 -27.17 -7.98
N SER B 123 -6.19 -28.32 -8.14
CA SER B 123 -5.85 -29.24 -9.22
C SER B 123 -5.88 -28.52 -10.56
N GLY B 124 -6.94 -27.76 -10.81
CA GLY B 124 -7.03 -27.02 -12.07
C GLY B 124 -5.99 -25.91 -12.19
N ILE B 125 -5.78 -25.17 -11.11
CA ILE B 125 -4.77 -24.11 -11.12
C ILE B 125 -3.40 -24.69 -11.50
N LEU B 126 -3.04 -25.80 -10.86
CA LEU B 126 -1.73 -26.40 -11.11
C LEU B 126 -1.65 -26.95 -12.53
N GLU B 127 -2.72 -27.58 -13.01
CA GLU B 127 -2.71 -28.13 -14.36
C GLU B 127 -2.47 -27.03 -15.39
N SER B 128 -3.15 -25.89 -15.25
CA SER B 128 -2.97 -24.79 -16.19
C SER B 128 -1.57 -24.18 -16.07
N ILE B 129 -1.10 -23.92 -14.85
CA ILE B 129 0.24 -23.37 -14.68
C ILE B 129 1.29 -24.30 -15.30
N LEU B 130 1.14 -25.60 -15.10
CA LEU B 130 2.09 -26.55 -15.67
C LEU B 130 2.03 -26.55 -17.20
N GLU B 131 0.83 -26.37 -17.76
CA GLU B 131 0.73 -26.27 -19.21
C GLU B 131 1.48 -25.05 -19.74
N PHE B 132 1.35 -23.90 -19.08
CA PHE B 132 2.07 -22.71 -19.52
C PHE B 132 3.58 -22.89 -19.44
N LYS B 133 4.05 -23.76 -18.55
CA LYS B 133 5.47 -24.05 -18.41
C LYS B 133 5.92 -25.18 -19.34
N GLY B 134 5.05 -25.63 -20.25
CA GLY B 134 5.40 -26.67 -21.19
C GLY B 134 5.29 -28.09 -20.66
N VAL B 135 4.69 -28.29 -19.49
CA VAL B 135 4.54 -29.60 -18.87
C VAL B 135 3.09 -30.00 -18.98
N ASP B 136 2.81 -31.02 -19.79
CA ASP B 136 1.45 -31.50 -19.99
C ASP B 136 1.13 -32.56 -18.94
N ALA B 137 0.18 -32.25 -18.06
CA ALA B 137 -0.16 -33.14 -16.95
C ALA B 137 -1.65 -33.10 -16.69
N LYS B 138 -2.10 -34.09 -15.92
CA LYS B 138 -3.45 -34.14 -15.39
C LYS B 138 -3.39 -34.25 -13.88
N VAL B 139 -4.22 -33.48 -13.18
CA VAL B 139 -4.13 -33.32 -11.74
C VAL B 139 -5.49 -33.61 -11.12
N PHE B 140 -5.50 -34.35 -10.02
CA PHE B 140 -6.71 -34.55 -9.23
C PHE B 140 -6.36 -34.54 -7.75
N GLN B 141 -7.38 -34.35 -6.92
CA GLN B 141 -7.18 -34.34 -5.47
C GLN B 141 -7.34 -35.77 -4.94
N GLU B 142 -6.28 -36.29 -4.34
CA GLU B 142 -6.36 -37.60 -3.69
C GLU B 142 -7.10 -37.51 -2.37
N MET B 143 -6.78 -36.51 -1.54
CA MET B 143 -7.51 -36.40 -0.29
C MET B 143 -7.60 -34.96 0.15
N SER B 144 -8.62 -34.68 0.96
CA SER B 144 -8.96 -33.32 1.40
C SER B 144 -9.20 -33.32 2.89
N LYS B 145 -8.59 -32.36 3.58
CA LYS B 145 -8.88 -32.19 5.00
C LYS B 145 -10.34 -31.84 5.24
N ALA B 146 -11.01 -31.25 4.24
CA ALA B 146 -12.41 -30.87 4.40
C ALA B 146 -13.32 -32.08 4.59
N THR B 147 -12.92 -33.25 4.11
CA THR B 147 -13.76 -34.44 4.14
C THR B 147 -13.19 -35.55 5.03
N GLY B 148 -12.36 -35.19 6.01
CA GLY B 148 -11.96 -36.11 7.07
C GLY B 148 -10.48 -36.44 7.09
N SER B 149 -9.81 -36.38 5.96
CA SER B 149 -8.38 -36.67 5.94
C SER B 149 -7.61 -35.63 6.77
N ASP B 150 -6.41 -36.02 7.21
CA ASP B 150 -5.60 -35.14 8.05
C ASP B 150 -4.74 -34.17 7.26
N VAL B 151 -4.58 -34.40 5.95
CA VAL B 151 -3.85 -33.50 5.07
C VAL B 151 -4.60 -33.39 3.76
N CYS B 152 -4.17 -32.46 2.93
CA CYS B 152 -4.64 -32.38 1.55
C CYS B 152 -3.54 -32.87 0.63
N VAL B 153 -3.90 -33.71 -0.33
CA VAL B 153 -2.96 -34.33 -1.25
C VAL B 153 -3.52 -34.23 -2.65
N TRP B 154 -2.72 -33.64 -3.55
CA TRP B 154 -3.01 -33.57 -4.98
C TRP B 154 -2.01 -34.41 -5.76
N ASN B 155 -2.49 -35.09 -6.80
CA ASN B 155 -1.69 -36.02 -7.58
C ASN B 155 -1.47 -35.47 -8.98
N VAL B 156 -0.22 -35.30 -9.37
CA VAL B 156 0.15 -34.74 -10.67
C VAL B 156 0.69 -35.87 -11.54
N ARG B 157 0.00 -36.16 -12.63
CA ARG B 157 0.37 -37.25 -13.54
C ARG B 157 0.91 -36.65 -14.82
N LEU B 158 2.19 -36.90 -15.11
CA LEU B 158 2.84 -36.31 -16.27
C LEU B 158 2.44 -37.07 -17.53
N VAL B 159 1.58 -36.44 -18.33
CA VAL B 159 1.09 -37.06 -19.55
C VAL B 159 2.21 -37.09 -20.59
N LYS C 5 4.37 -0.99 0.95
CA LYS C 5 4.93 0.18 0.30
C LYS C 5 5.14 1.31 1.30
N VAL C 6 6.40 1.68 1.53
CA VAL C 6 6.72 2.83 2.36
C VAL C 6 6.30 4.11 1.64
N GLU C 7 5.47 4.91 2.30
CA GLU C 7 5.02 6.17 1.73
C GLU C 7 6.07 7.25 1.95
N ASN C 8 6.29 8.06 0.92
CA ASN C 8 7.23 9.18 0.93
C ASN C 8 8.64 8.75 1.35
N PRO C 9 9.30 7.91 0.57
CA PRO C 9 10.65 7.44 0.98
C PRO C 9 11.67 8.55 1.09
N LEU C 10 11.59 9.59 0.24
CA LEU C 10 12.55 10.69 0.32
C LEU C 10 12.40 11.44 1.64
N LEU C 11 11.17 11.78 2.00
CA LEU C 11 10.94 12.49 3.27
C LEU C 11 11.40 11.65 4.46
N ILE C 12 11.07 10.36 4.44
CA ILE C 12 11.41 9.47 5.56
C ILE C 12 12.92 9.35 5.70
N SER C 13 13.63 9.20 4.59
CA SER C 13 15.08 9.05 4.67
CA SER C 13 15.08 9.05 4.67
C SER C 13 15.74 10.34 5.14
N LEU C 14 15.27 11.49 4.64
CA LEU C 14 15.85 12.76 5.08
C LEU C 14 15.59 12.99 6.57
N TYR C 15 14.37 12.70 7.03
CA TYR C 15 14.06 12.84 8.45
C TYR C 15 14.83 11.82 9.29
N SER C 16 15.09 10.62 8.74
CA SER C 16 15.89 9.60 9.42
C SER C 16 17.35 10.02 9.58
N HIS C 17 17.88 10.72 8.58
CA HIS C 17 19.18 11.37 8.71
C HIS C 17 19.17 12.44 9.81
N TYR C 18 18.14 13.29 9.83
CA TYR C 18 18.11 14.40 10.78
C TYR C 18 18.03 13.91 12.22
N VAL C 19 17.09 13.00 12.52
CA VAL C 19 17.00 12.39 13.85
C VAL C 19 18.28 11.63 14.21
N GLU C 20 18.94 10.99 13.23
CA GLU C 20 20.19 10.30 13.58
C GLU C 20 21.24 11.29 14.06
N GLN C 21 21.43 12.39 13.33
CA GLN C 21 22.42 13.37 13.77
CA GLN C 21 22.43 13.36 13.77
C GLN C 21 21.95 14.13 14.99
N ILE C 22 20.62 14.24 15.19
CA ILE C 22 20.06 14.90 16.37
C ILE C 22 19.96 13.95 17.55
N LEU C 23 20.34 12.68 17.36
CA LEU C 23 20.63 11.74 18.44
C LEU C 23 22.12 11.59 18.70
N SER C 24 22.97 12.04 17.77
CA SER C 24 24.42 12.00 18.01
C SER C 24 24.99 13.23 18.72
N GLU C 25 24.25 14.34 18.76
CA GLU C 25 24.73 15.64 19.22
C GLU C 25 24.12 16.08 20.55
N THR C 26 22.80 16.02 20.68
CA THR C 26 22.11 16.67 21.80
C THR C 26 22.52 16.06 23.14
N ASN C 27 22.22 16.80 24.21
CA ASN C 27 22.57 16.38 25.56
C ASN C 27 21.82 15.13 25.99
N SER C 28 20.55 15.29 26.31
CA SER C 28 19.77 14.27 27.01
C SER C 28 18.83 13.59 26.00
N ILE C 29 17.54 13.44 26.29
CA ILE C 29 16.56 12.90 25.35
C ILE C 29 15.46 13.92 25.16
N ASP C 30 15.14 14.66 26.24
CA ASP C 30 14.05 15.62 26.18
C ASP C 30 14.42 16.83 25.34
N ASP C 31 15.69 17.26 25.39
CA ASP C 31 16.13 18.36 24.54
C ASP C 31 16.22 17.93 23.08
N ALA C 32 16.42 16.64 22.82
CA ALA C 32 16.27 16.14 21.46
C ALA C 32 14.84 16.30 20.98
N ASN C 33 13.88 16.00 21.85
CA ASN C 33 12.48 16.27 21.53
C ASN C 33 12.26 17.75 21.28
N GLN C 34 12.91 18.61 22.04
CA GLN C 34 12.72 20.05 21.83
C GLN C 34 13.35 20.49 20.51
N LYS C 35 14.51 19.94 20.16
CA LYS C 35 15.11 20.25 18.86
C LYS C 35 14.20 19.82 17.72
N LEU C 36 13.57 18.64 17.84
CA LEU C 36 12.65 18.18 16.81
C LEU C 36 11.40 19.06 16.75
N ARG C 37 10.87 19.47 17.90
CA ARG C 37 9.76 20.41 17.91
C ARG C 37 10.15 21.72 17.25
N ASP C 38 11.36 22.20 17.52
CA ASP C 38 11.80 23.47 16.94
C ASP C 38 11.92 23.36 15.42
N LEU C 39 12.51 22.26 14.95
CA LEU C 39 12.55 21.98 13.52
C LEU C 39 11.14 22.00 12.94
N GLY C 40 10.21 21.33 13.62
CA GLY C 40 8.84 21.30 13.12
C GLY C 40 8.19 22.67 13.12
N LYS C 41 8.51 23.50 14.09
CA LYS C 41 7.93 24.84 14.12
C LYS C 41 8.47 25.70 12.98
N GLU C 42 9.75 25.56 12.65
CA GLU C 42 10.28 26.26 11.48
C GLU C 42 9.61 25.76 10.20
N LEU C 43 9.47 24.44 10.07
CA LEU C 43 8.81 23.90 8.88
C LEU C 43 7.36 24.34 8.79
N GLY C 44 6.68 24.47 9.94
CA GLY C 44 5.29 24.89 9.92
C GLY C 44 5.14 26.37 9.61
N GLN C 45 6.08 27.19 10.11
CA GLN C 45 6.15 28.59 9.71
C GLN C 45 6.28 28.70 8.20
N GLN C 46 7.20 27.93 7.61
CA GLN C 46 7.33 27.99 6.15
C GLN C 46 6.11 27.38 5.46
N ILE C 47 5.42 26.45 6.12
CA ILE C 47 4.40 25.64 5.48
C ILE C 47 3.08 26.39 5.33
N TYR C 48 2.79 27.34 6.22
CA TYR C 48 1.53 28.07 6.16
C TYR C 48 1.46 29.03 4.98
N LEU C 49 2.55 29.21 4.23
CA LEU C 49 2.62 30.21 3.18
C LEU C 49 2.57 29.65 1.76
N ASN C 50 3.17 28.48 1.51
CA ASN C 50 2.88 27.73 0.29
C ASN C 50 1.66 26.87 0.60
N THR C 51 0.53 27.23 -0.01
CA THR C 51 -0.78 26.98 0.57
C THR C 51 -1.49 25.84 -0.14
N GLU C 52 -1.49 24.68 0.49
CA GLU C 52 -2.59 23.73 0.40
C GLU C 52 -3.50 23.84 1.61
N ILE C 53 -3.08 24.62 2.61
CA ILE C 53 -3.85 24.83 3.83
C ILE C 53 -4.79 26.02 3.69
N VAL C 54 -4.33 27.13 3.12
CA VAL C 54 -5.10 28.37 3.13
C VAL C 54 -6.46 28.17 2.46
N GLU C 55 -6.51 27.38 1.40
CA GLU C 55 -7.77 27.16 0.70
C GLU C 55 -8.71 26.22 1.47
N LYS C 56 -8.17 25.31 2.26
CA LYS C 56 -8.95 24.21 2.84
C LYS C 56 -9.28 24.41 4.32
N THR C 57 -9.19 25.63 4.83
CA THR C 57 -9.61 25.90 6.20
C THR C 57 -9.89 27.38 6.36
N LYS C 58 -10.29 27.75 7.58
CA LYS C 58 -10.69 29.10 7.93
C LYS C 58 -9.50 29.88 8.49
N GLU C 59 -9.58 31.21 8.37
CA GLU C 59 -8.50 32.07 8.83
C GLU C 59 -8.49 32.21 10.34
N ASN C 60 -9.67 32.24 10.97
CA ASN C 60 -9.80 32.52 12.40
C ASN C 60 -10.46 31.33 13.09
N VAL C 61 -9.74 30.72 14.02
CA VAL C 61 -10.19 29.53 14.74
C VAL C 61 -10.18 29.82 16.23
N THR C 62 -11.23 29.41 16.94
CA THR C 62 -11.37 29.72 18.36
C THR C 62 -11.98 28.57 19.16
N THR C 63 -13.19 28.16 18.80
CA THR C 63 -13.94 27.20 19.61
C THR C 63 -13.33 25.80 19.50
N ARG C 64 -13.74 24.93 20.42
CA ARG C 64 -13.22 23.55 20.44
C ARG C 64 -13.56 22.82 19.16
N GLU C 65 -14.80 22.97 18.68
CA GLU C 65 -15.18 22.37 17.41
C GLU C 65 -14.31 22.89 16.27
N GLU C 66 -14.06 24.21 16.25
CA GLU C 66 -13.17 24.79 15.26
C GLU C 66 -11.78 24.17 15.35
N VAL C 67 -11.29 23.94 16.56
CA VAL C 67 -9.94 23.41 16.74
C VAL C 67 -9.87 21.98 16.21
N ALA C 68 -10.85 21.14 16.55
CA ALA C 68 -10.85 19.77 16.04
C ALA C 68 -10.95 19.75 14.52
N LYS C 69 -11.81 20.60 13.96
CA LYS C 69 -11.92 20.68 12.50
C LYS C 69 -10.62 21.12 11.86
N LEU C 70 -9.91 22.07 12.50
CA LEU C 70 -8.64 22.54 11.97
C LEU C 70 -7.59 21.44 12.00
N ILE C 71 -7.53 20.69 13.10
CA ILE C 71 -6.59 19.57 13.17
C ILE C 71 -6.86 18.57 12.07
N GLU C 72 -8.14 18.23 11.85
CA GLU C 72 -8.46 17.26 10.81
C GLU C 72 -8.11 17.79 9.42
N ASN C 73 -8.43 19.06 9.14
CA ASN C 73 -8.12 19.61 7.83
C ASN C 73 -6.62 19.68 7.58
N VAL C 74 -5.86 20.06 8.61
CA VAL C 74 -4.40 20.14 8.45
C VAL C 74 -3.82 18.75 8.23
N TYR C 75 -4.33 17.75 8.95
CA TYR C 75 -3.86 16.38 8.73
C TYR C 75 -4.18 15.91 7.31
N LYS C 76 -5.40 16.19 6.83
CA LYS C 76 -5.76 15.75 5.49
C LYS C 76 -4.98 16.49 4.42
N VAL C 77 -4.58 17.73 4.69
CA VAL C 77 -3.73 18.44 3.74
C VAL C 77 -2.33 17.86 3.71
N LEU C 78 -1.71 17.74 4.89
CA LEU C 78 -0.29 17.40 4.95
C LEU C 78 -0.04 15.92 4.67
N PHE C 79 -0.94 15.04 5.07
CA PHE C 79 -0.72 13.60 5.00
C PHE C 79 -1.75 12.88 4.12
N ASP C 80 -2.69 13.60 3.53
CA ASP C 80 -3.71 13.04 2.63
C ASP C 80 -4.58 12.00 3.33
N LYS C 81 -4.79 12.17 4.63
CA LYS C 81 -5.68 11.29 5.38
C LYS C 81 -6.06 11.96 6.68
N LYS C 82 -7.21 11.59 7.20
CA LYS C 82 -7.49 12.10 8.54
C LYS C 82 -6.98 11.12 9.58
N PRO C 83 -6.65 11.58 10.79
CA PRO C 83 -6.04 10.68 11.77
C PRO C 83 -7.04 9.64 12.27
N LYS C 84 -6.49 8.59 12.88
CA LYS C 84 -7.33 7.55 13.46
C LYS C 84 -8.27 8.10 14.52
N ASP C 85 -7.76 8.99 15.38
CA ASP C 85 -8.62 9.54 16.42
C ASP C 85 -8.24 10.98 16.71
N VAL C 86 -9.25 11.83 16.85
CA VAL C 86 -9.10 13.17 17.42
C VAL C 86 -10.05 13.23 18.61
N ASP C 87 -9.49 13.18 19.82
CA ASP C 87 -10.27 13.06 21.06
C ASP C 87 -10.14 14.35 21.85
N MET C 88 -11.24 15.09 21.97
CA MET C 88 -11.26 16.34 22.72
C MET C 88 -11.45 16.05 24.21
N LYS C 89 -10.45 16.39 25.02
CA LYS C 89 -10.46 16.18 26.46
C LYS C 89 -10.80 17.51 27.12
N THR C 90 -12.10 17.78 27.23
CA THR C 90 -12.57 19.07 27.74
C THR C 90 -12.18 19.25 29.20
N ALA C 91 -12.29 18.18 30.00
CA ALA C 91 -11.96 18.28 31.42
C ALA C 91 -10.47 18.46 31.65
N ARG C 92 -9.63 18.19 30.65
CA ARG C 92 -8.20 18.43 30.73
C ARG C 92 -7.74 19.57 29.84
N GLY C 93 -8.64 20.14 29.05
CA GLY C 93 -8.26 21.21 28.14
C GLY C 93 -7.26 20.77 27.10
N SER C 94 -7.42 19.57 26.55
CA SER C 94 -6.44 19.07 25.60
C SER C 94 -7.14 18.39 24.43
N VAL C 95 -6.33 18.00 23.45
CA VAL C 95 -6.76 17.19 22.32
C VAL C 95 -5.74 16.07 22.13
N ARG C 96 -6.21 14.83 22.05
CA ARG C 96 -5.37 13.67 21.82
C ARG C 96 -5.50 13.24 20.36
N ILE C 97 -4.38 13.23 19.64
CA ILE C 97 -4.35 12.84 18.23
C ILE C 97 -3.68 11.48 18.13
N THR C 98 -4.39 10.51 17.56
CA THR C 98 -3.88 9.16 17.37
C THR C 98 -3.80 8.84 15.88
N ASP C 99 -2.67 8.28 15.47
CA ASP C 99 -2.43 7.86 14.10
C ASP C 99 -1.73 6.51 14.14
N ASP C 100 -2.31 5.50 13.48
CA ASP C 100 -1.72 4.17 13.43
C ASP C 100 -0.84 3.94 12.20
N ASN C 101 -0.68 4.96 11.35
CA ASN C 101 0.18 4.85 10.17
C ASN C 101 0.89 6.17 9.94
N CYS C 102 1.52 6.68 11.01
CA CYS C 102 2.30 7.91 10.95
C CYS C 102 3.35 7.81 9.85
N VAL C 103 3.52 8.90 9.09
CA VAL C 103 4.46 8.85 8.00
C VAL C 103 5.90 8.88 8.51
N TRP C 104 6.14 9.48 9.68
CA TRP C 104 7.51 9.76 10.08
C TRP C 104 8.28 8.52 10.53
N CYS C 105 7.61 7.57 11.18
CA CYS C 105 8.29 6.44 11.80
C CYS C 105 8.05 5.11 11.08
N GLN C 106 7.69 5.16 9.81
CA GLN C 106 7.45 3.93 9.06
C GLN C 106 8.65 3.00 9.13
N GLU C 107 8.40 1.76 9.56
CA GLU C 107 9.41 0.70 9.57
C GLU C 107 10.60 1.04 10.46
N VAL C 108 10.46 2.01 11.36
CA VAL C 108 11.52 2.35 12.30
C VAL C 108 11.31 1.54 13.56
N ASN C 109 12.38 0.95 14.08
CA ASN C 109 12.33 0.07 15.25
C ASN C 109 13.55 0.38 16.11
N LEU C 110 13.37 1.28 17.08
CA LEU C 110 14.43 1.67 17.98
C LEU C 110 14.29 0.92 19.31
N GLU C 111 15.41 0.42 19.81
CA GLU C 111 15.40 -0.45 20.98
C GLU C 111 15.63 0.37 22.24
N GLY C 112 14.72 0.23 23.21
CA GLY C 112 14.90 0.82 24.53
C GLY C 112 15.05 2.32 24.54
N MET C 113 14.24 3.02 23.75
CA MET C 113 14.28 4.48 23.69
C MET C 113 12.92 5.09 23.99
N ARG C 114 12.09 4.40 24.77
CA ARG C 114 10.78 4.94 25.12
C ARG C 114 10.96 6.28 25.82
N GLY C 115 10.08 7.23 25.48
CA GLY C 115 10.22 8.60 25.90
C GLY C 115 10.84 9.51 24.87
N PHE C 116 11.54 8.94 23.89
CA PHE C 116 12.05 9.72 22.76
C PHE C 116 10.93 9.89 21.75
N GLY C 117 10.52 11.13 21.53
CA GLY C 117 9.49 11.43 20.54
C GLY C 117 10.09 11.48 19.14
N TYR C 118 10.22 10.30 18.52
CA TYR C 118 10.81 10.23 17.18
C TYR C 118 10.07 11.15 16.21
N CYS C 119 8.78 11.34 16.42
CA CYS C 119 7.91 12.06 15.48
C CYS C 119 7.46 13.41 16.04
N GLU C 120 8.29 14.06 16.87
CA GLU C 120 7.95 15.35 17.46
C GLU C 120 7.96 16.49 16.44
N ILE C 121 8.50 16.26 15.25
CA ILE C 121 8.47 17.29 14.22
C ILE C 121 7.03 17.68 13.92
N PHE C 122 6.11 16.72 13.99
CA PHE C 122 4.70 17.05 13.78
C PHE C 122 4.16 17.88 14.92
N SER C 123 4.64 17.66 16.14
CA SER C 123 4.27 18.53 17.26
C SER C 123 4.61 19.97 16.93
N GLY C 124 5.82 20.19 16.41
CA GLY C 124 6.20 21.56 16.03
C GLY C 124 5.35 22.10 14.90
N ILE C 125 5.13 21.29 13.87
CA ILE C 125 4.35 21.74 12.71
C ILE C 125 2.94 22.15 13.14
N LEU C 126 2.27 21.26 13.89
CA LEU C 126 0.92 21.54 14.33
C LEU C 126 0.87 22.74 15.26
N GLU C 127 1.83 22.86 16.19
CA GLU C 127 1.84 24.01 17.08
C GLU C 127 1.95 25.30 16.28
N SER C 128 2.84 25.34 15.29
CA SER C 128 2.98 26.53 14.46
C SER C 128 1.70 26.84 13.70
N ILE C 129 1.04 25.82 13.15
CA ILE C 129 -0.15 26.05 12.33
C ILE C 129 -1.32 26.51 13.19
N LEU C 130 -1.63 25.75 14.26
CA LEU C 130 -2.64 26.19 15.23
C LEU C 130 -2.38 27.61 15.67
N GLU C 131 -1.11 27.92 16.00
CA GLU C 131 -0.72 29.25 16.47
C GLU C 131 -1.06 30.30 15.41
N PHE C 132 -0.68 30.01 14.16
CA PHE C 132 -0.96 30.91 13.05
C PHE C 132 -2.42 31.26 12.96
N LYS C 133 -3.32 30.35 13.36
CA LYS C 133 -4.75 30.57 13.26
C LYS C 133 -5.36 31.07 14.58
N GLY C 134 -4.53 31.47 15.53
CA GLY C 134 -5.02 32.08 16.75
C GLY C 134 -5.30 31.11 17.88
N VAL C 135 -4.56 30.01 17.98
CA VAL C 135 -4.73 29.02 19.03
C VAL C 135 -3.38 28.83 19.70
N ASP C 136 -3.24 29.30 20.94
CA ASP C 136 -2.03 29.08 21.69
C ASP C 136 -2.04 27.65 22.25
N ALA C 137 -1.08 26.84 21.80
CA ALA C 137 -1.07 25.43 22.18
C ALA C 137 0.35 24.99 22.48
N LYS C 138 0.45 23.90 23.23
CA LYS C 138 1.73 23.21 23.46
C LYS C 138 1.55 21.75 23.09
N VAL C 139 2.27 21.30 22.07
CA VAL C 139 2.09 19.96 21.52
C VAL C 139 3.32 19.13 21.86
N PHE C 140 3.09 17.90 22.35
CA PHE C 140 4.17 16.95 22.59
C PHE C 140 3.68 15.55 22.26
N GLN C 141 4.62 14.66 21.96
CA GLN C 141 4.31 13.30 21.57
C GLN C 141 4.41 12.37 22.78
N GLU C 142 3.38 11.54 22.95
CA GLU C 142 3.30 10.63 24.10
C GLU C 142 3.78 9.22 23.78
N MET C 143 3.51 8.73 22.58
CA MET C 143 4.00 7.42 22.18
C MET C 143 4.24 7.44 20.68
N SER C 144 5.13 6.55 20.25
CA SER C 144 5.59 6.47 18.87
C SER C 144 5.85 5.01 18.52
N LYS C 145 5.32 4.57 17.37
CA LYS C 145 5.60 3.22 16.92
C LYS C 145 7.10 2.97 16.79
N ALA C 146 7.88 4.03 16.52
CA ALA C 146 9.32 3.87 16.39
C ALA C 146 9.97 3.32 17.66
N THR C 147 9.35 3.49 18.81
CA THR C 147 9.92 3.03 20.08
C THR C 147 9.15 1.88 20.71
N GLY C 148 8.19 1.29 19.99
CA GLY C 148 7.56 0.05 20.42
C GLY C 148 6.05 0.10 20.56
N SER C 149 5.43 1.28 20.58
CA SER C 149 3.99 1.34 20.72
C SER C 149 3.31 0.92 19.41
N ASP C 150 2.00 0.68 19.51
CA ASP C 150 1.20 0.30 18.36
C ASP C 150 0.66 1.49 17.58
N VAL C 151 0.76 2.69 18.13
CA VAL C 151 0.25 3.89 17.50
C VAL C 151 1.17 5.05 17.85
N CYS C 152 1.07 6.13 17.09
CA CYS C 152 1.65 7.40 17.48
C CYS C 152 0.55 8.28 18.05
N VAL C 153 0.89 9.02 19.10
CA VAL C 153 -0.06 9.85 19.83
C VAL C 153 0.60 11.20 20.14
N TRP C 154 -0.10 12.28 19.81
CA TRP C 154 0.33 13.62 20.18
C TRP C 154 -0.72 14.28 21.07
N ASN C 155 -0.27 15.18 21.95
CA ASN C 155 -1.12 15.87 22.92
C ASN C 155 -1.07 17.37 22.69
N VAL C 156 -2.20 17.96 22.33
CA VAL C 156 -2.33 19.39 22.11
C VAL C 156 -2.90 20.00 23.38
N ARG C 157 -2.06 20.65 24.17
CA ARG C 157 -2.50 21.37 25.36
C ARG C 157 -2.95 22.77 24.96
N LEU C 158 -4.21 23.09 25.23
CA LEU C 158 -4.80 24.36 24.79
C LEU C 158 -4.63 25.41 25.89
N VAL C 159 -3.99 26.52 25.54
CA VAL C 159 -3.80 27.64 26.46
C VAL C 159 -4.31 28.93 25.81
N MET D 3 -0.56 -8.27 -16.50
CA MET D 3 0.85 -8.58 -16.21
C MET D 3 1.44 -7.84 -14.99
N PRO D 4 0.99 -6.61 -14.68
CA PRO D 4 1.40 -6.01 -13.42
C PRO D 4 0.95 -6.84 -12.22
N LYS D 5 1.85 -6.97 -11.25
CA LYS D 5 1.60 -7.81 -10.08
C LYS D 5 0.46 -7.24 -9.24
N VAL D 6 -0.27 -8.14 -8.57
CA VAL D 6 -1.40 -7.78 -7.73
C VAL D 6 -1.25 -8.44 -6.37
N GLU D 7 -1.86 -7.83 -5.36
CA GLU D 7 -1.95 -8.46 -4.06
C GLU D 7 -3.21 -9.31 -3.97
N ASN D 8 -3.11 -10.40 -3.22
CA ASN D 8 -4.15 -11.42 -3.12
C ASN D 8 -4.65 -11.87 -4.49
N PRO D 9 -3.78 -12.45 -5.33
CA PRO D 9 -4.20 -12.79 -6.69
C PRO D 9 -5.27 -13.88 -6.78
N LEU D 10 -5.30 -14.83 -5.84
CA LEU D 10 -6.34 -15.86 -5.87
C LEU D 10 -7.72 -15.25 -5.65
N LEU D 11 -7.83 -14.36 -4.66
CA LEU D 11 -9.12 -13.73 -4.36
C LEU D 11 -9.61 -12.96 -5.57
N ILE D 12 -8.77 -12.09 -6.13
CA ILE D 12 -9.22 -11.23 -7.21
C ILE D 12 -9.45 -12.01 -8.49
N SER D 13 -8.71 -13.11 -8.71
CA SER D 13 -8.98 -13.94 -9.88
C SER D 13 -10.34 -14.62 -9.76
N LEU D 14 -10.64 -15.19 -8.60
CA LEU D 14 -11.95 -15.80 -8.38
C LEU D 14 -13.06 -14.76 -8.47
N TYR D 15 -12.83 -13.57 -7.90
CA TYR D 15 -13.85 -12.53 -7.96
C TYR D 15 -14.08 -12.04 -9.38
N SER D 16 -13.01 -11.87 -10.16
CA SER D 16 -13.17 -11.51 -11.56
C SER D 16 -13.95 -12.58 -12.29
N HIS D 17 -13.69 -13.85 -11.98
CA HIS D 17 -14.46 -14.94 -12.58
C HIS D 17 -15.95 -14.77 -12.27
N TYR D 18 -16.26 -14.47 -11.01
CA TYR D 18 -17.66 -14.27 -10.62
C TYR D 18 -18.26 -13.03 -11.29
N VAL D 19 -17.47 -11.96 -11.41
CA VAL D 19 -17.99 -10.73 -12.03
C VAL D 19 -18.32 -10.97 -13.49
N GLU D 20 -17.43 -11.66 -14.22
CA GLU D 20 -17.73 -11.96 -15.61
C GLU D 20 -18.92 -12.90 -15.72
N GLN D 21 -19.00 -13.89 -14.81
CA GLN D 21 -20.16 -14.78 -14.78
C GLN D 21 -21.46 -13.99 -14.58
N ILE D 22 -21.48 -13.08 -13.61
CA ILE D 22 -22.69 -12.32 -13.33
C ILE D 22 -23.03 -11.40 -14.49
N LEU D 23 -22.03 -10.72 -15.06
CA LEU D 23 -22.28 -9.84 -16.20
C LEU D 23 -22.87 -10.61 -17.37
N SER D 24 -22.47 -11.87 -17.55
CA SER D 24 -23.09 -12.67 -18.60
C SER D 24 -24.49 -13.13 -18.18
N GLU D 25 -24.67 -13.48 -16.91
CA GLU D 25 -25.90 -14.10 -16.42
C GLU D 25 -27.02 -13.10 -16.14
N THR D 26 -26.74 -11.80 -16.13
CA THR D 26 -27.74 -10.80 -15.88
C THR D 26 -27.97 -9.98 -17.14
N ASN D 27 -29.17 -9.42 -17.27
CA ASN D 27 -29.48 -8.60 -18.43
C ASN D 27 -29.04 -7.16 -18.26
N SER D 28 -29.03 -6.64 -17.04
CA SER D 28 -28.89 -5.21 -16.81
C SER D 28 -27.75 -4.93 -15.84
N ILE D 29 -27.29 -3.68 -15.84
CA ILE D 29 -26.22 -3.28 -14.94
C ILE D 29 -26.73 -3.25 -13.50
N ASP D 30 -27.97 -2.81 -13.30
CA ASP D 30 -28.52 -2.73 -11.94
C ASP D 30 -28.71 -4.12 -11.34
N ASP D 31 -29.15 -5.07 -12.16
CA ASP D 31 -29.32 -6.44 -11.66
C ASP D 31 -27.97 -7.07 -11.31
N ALA D 32 -26.96 -6.81 -12.12
CA ALA D 32 -25.61 -7.27 -11.77
C ALA D 32 -25.14 -6.63 -10.47
N ASN D 33 -25.42 -5.33 -10.29
CA ASN D 33 -25.08 -4.66 -9.05
C ASN D 33 -25.73 -5.36 -7.87
N GLN D 34 -27.03 -5.65 -7.97
CA GLN D 34 -27.73 -6.26 -6.85
C GLN D 34 -27.28 -7.69 -6.63
N LYS D 35 -26.95 -8.43 -7.69
CA LYS D 35 -26.45 -9.79 -7.48
C LYS D 35 -25.09 -9.79 -6.80
N LEU D 36 -24.24 -8.81 -7.11
CA LEU D 36 -22.96 -8.71 -6.40
C LEU D 36 -23.18 -8.33 -4.94
N ARG D 37 -24.12 -7.41 -4.67
CA ARG D 37 -24.48 -7.11 -3.28
C ARG D 37 -24.98 -8.35 -2.55
N ASP D 38 -25.84 -9.14 -3.19
CA ASP D 38 -26.38 -10.34 -2.55
C ASP D 38 -25.28 -11.35 -2.26
N LEU D 39 -24.33 -11.49 -3.19
CA LEU D 39 -23.16 -12.33 -2.93
C LEU D 39 -22.40 -11.82 -1.71
N GLY D 40 -22.20 -10.50 -1.64
CA GLY D 40 -21.51 -9.94 -0.49
C GLY D 40 -22.22 -10.21 0.82
N LYS D 41 -23.55 -10.15 0.82
CA LYS D 41 -24.30 -10.44 2.04
C LYS D 41 -24.14 -11.90 2.43
N GLU D 42 -24.16 -12.80 1.45
CA GLU D 42 -23.93 -14.21 1.75
C GLU D 42 -22.54 -14.43 2.36
N LEU D 43 -21.52 -13.78 1.80
CA LEU D 43 -20.17 -13.88 2.38
C LEU D 43 -20.12 -13.26 3.77
N GLY D 44 -20.85 -12.17 3.99
CA GLY D 44 -20.86 -11.56 5.30
C GLY D 44 -21.44 -12.45 6.38
N GLN D 45 -22.47 -13.23 6.01
CA GLN D 45 -23.01 -14.22 6.92
C GLN D 45 -21.94 -15.19 7.43
N GLN D 46 -20.93 -15.49 6.60
CA GLN D 46 -19.81 -16.31 7.05
C GLN D 46 -18.73 -15.50 7.73
N ILE D 47 -18.62 -14.22 7.40
CA ILE D 47 -17.52 -13.39 7.89
C ILE D 47 -17.81 -12.86 9.29
N TYR D 48 -19.06 -12.49 9.60
CA TYR D 48 -19.22 -11.85 10.89
C TYR D 48 -19.17 -12.82 12.07
N LEU D 49 -18.92 -14.10 11.81
CA LEU D 49 -18.59 -15.07 12.85
C LEU D 49 -17.11 -15.40 12.87
N ASN D 50 -16.30 -14.69 12.08
CA ASN D 50 -14.86 -14.91 12.05
C ASN D 50 -14.22 -14.39 13.33
N THR D 51 -13.19 -15.10 13.81
CA THR D 51 -12.68 -14.83 15.15
C THR D 51 -12.03 -13.45 15.25
N GLU D 52 -11.34 -13.00 14.21
CA GLU D 52 -10.71 -11.69 14.28
C GLU D 52 -11.76 -10.57 14.21
N ILE D 53 -12.81 -10.77 13.41
CA ILE D 53 -13.90 -9.79 13.37
C ILE D 53 -14.59 -9.72 14.73
N VAL D 54 -14.93 -10.88 15.29
CA VAL D 54 -15.64 -10.90 16.56
C VAL D 54 -14.76 -10.36 17.69
N GLU D 55 -13.45 -10.56 17.60
CA GLU D 55 -12.55 -10.04 18.63
C GLU D 55 -12.37 -8.53 18.51
N LYS D 56 -12.23 -8.02 17.29
CA LYS D 56 -11.77 -6.65 17.07
C LYS D 56 -12.91 -5.68 16.77
N THR D 57 -14.16 -6.11 16.87
CA THR D 57 -15.30 -5.25 16.62
C THR D 57 -16.35 -5.43 17.72
N LYS D 58 -17.20 -4.42 17.87
CA LYS D 58 -18.23 -4.46 18.89
C LYS D 58 -19.45 -5.21 18.40
N GLU D 59 -20.05 -6.02 19.29
CA GLU D 59 -21.26 -6.74 18.98
C GLU D 59 -22.51 -5.84 19.01
N ASN D 60 -22.37 -4.61 19.50
CA ASN D 60 -23.49 -3.67 19.58
C ASN D 60 -22.98 -2.28 19.24
N VAL D 61 -23.50 -1.70 18.17
CA VAL D 61 -23.07 -0.38 17.68
C VAL D 61 -24.30 0.50 17.56
N THR D 62 -24.22 1.72 18.09
CA THR D 62 -25.36 2.65 18.06
C THR D 62 -24.96 3.99 17.47
N THR D 63 -24.04 4.70 18.13
CA THR D 63 -23.72 6.08 17.77
C THR D 63 -23.07 6.16 16.38
N ARG D 64 -23.10 7.36 15.81
CA ARG D 64 -22.52 7.56 14.48
C ARG D 64 -21.02 7.37 14.49
N GLU D 65 -20.33 7.85 15.51
CA GLU D 65 -18.89 7.66 15.59
C GLU D 65 -18.55 6.18 15.74
N GLU D 66 -19.36 5.44 16.51
CA GLU D 66 -19.15 4.00 16.62
C GLU D 66 -19.34 3.32 15.27
N VAL D 67 -20.30 3.80 14.47
CA VAL D 67 -20.51 3.24 13.13
C VAL D 67 -19.28 3.49 12.26
N ALA D 68 -18.76 4.71 12.27
CA ALA D 68 -17.59 5.03 11.46
C ALA D 68 -16.39 4.20 11.88
N LYS D 69 -16.17 4.06 13.20
CA LYS D 69 -15.02 3.30 13.67
C LYS D 69 -15.20 1.81 13.43
N LEU D 70 -16.45 1.31 13.46
CA LEU D 70 -16.70 -0.08 13.08
C LEU D 70 -16.36 -0.31 11.62
N ILE D 71 -16.75 0.61 10.75
CA ILE D 71 -16.38 0.51 9.33
C ILE D 71 -14.87 0.45 9.19
N GLU D 72 -14.16 1.37 9.83
CA GLU D 72 -12.69 1.38 9.73
C GLU D 72 -12.09 0.08 10.27
N ASN D 73 -12.63 -0.43 11.38
CA ASN D 73 -12.07 -1.64 11.97
C ASN D 73 -12.34 -2.87 11.10
N VAL D 74 -13.55 -2.97 10.53
CA VAL D 74 -13.85 -4.07 9.62
C VAL D 74 -12.92 -4.02 8.42
N TYR D 75 -12.72 -2.83 7.86
CA TYR D 75 -11.79 -2.68 6.74
C TYR D 75 -10.39 -3.14 7.13
N LYS D 76 -9.92 -2.68 8.31
CA LYS D 76 -8.58 -3.04 8.76
C LYS D 76 -8.43 -4.54 8.95
N VAL D 77 -9.48 -5.21 9.43
CA VAL D 77 -9.40 -6.66 9.62
C VAL D 77 -9.42 -7.38 8.29
N LEU D 78 -10.22 -6.90 7.33
CA LEU D 78 -10.44 -7.66 6.10
C LEU D 78 -9.33 -7.45 5.08
N PHE D 79 -8.84 -6.22 4.93
CA PHE D 79 -7.92 -5.90 3.86
C PHE D 79 -6.52 -5.53 4.34
N ASP D 80 -6.25 -5.61 5.65
CA ASP D 80 -4.94 -5.28 6.22
C ASP D 80 -4.48 -3.88 5.80
N LYS D 81 -5.45 -2.99 5.57
CA LYS D 81 -5.17 -1.58 5.31
C LYS D 81 -6.41 -0.78 5.67
N LYS D 82 -6.21 0.32 6.39
CA LYS D 82 -7.34 1.19 6.69
C LYS D 82 -7.73 1.97 5.44
N PRO D 83 -9.03 2.25 5.26
CA PRO D 83 -9.46 2.94 4.03
C PRO D 83 -8.88 4.34 3.97
N LYS D 84 -8.87 4.91 2.76
CA LYS D 84 -8.31 6.24 2.58
C LYS D 84 -9.15 7.30 3.29
N ASP D 85 -10.47 7.12 3.30
CA ASP D 85 -11.33 8.10 3.94
C ASP D 85 -12.62 7.43 4.40
N VAL D 86 -13.07 7.77 5.61
CA VAL D 86 -14.38 7.41 6.10
C VAL D 86 -15.02 8.70 6.58
N ASP D 87 -16.00 9.19 5.82
CA ASP D 87 -16.53 10.54 5.97
C ASP D 87 -17.99 10.45 6.42
N MET D 88 -18.24 10.82 7.67
CA MET D 88 -19.60 10.82 8.19
C MET D 88 -20.30 12.10 7.75
N LYS D 89 -21.39 11.95 6.97
CA LYS D 89 -22.18 13.07 6.50
C LYS D 89 -23.46 13.11 7.32
N THR D 90 -23.42 13.91 8.39
CA THR D 90 -24.49 13.94 9.38
C THR D 90 -25.76 14.57 8.82
N ALA D 91 -25.62 15.62 8.01
CA ALA D 91 -26.81 16.27 7.45
C ALA D 91 -27.54 15.37 6.47
N ARG D 92 -26.91 14.30 6.02
CA ARG D 92 -27.50 13.38 5.06
C ARG D 92 -27.74 12.00 5.64
N GLY D 93 -27.26 11.73 6.84
CA GLY D 93 -27.40 10.42 7.44
C GLY D 93 -26.68 9.36 6.66
N SER D 94 -25.48 9.66 6.16
CA SER D 94 -24.74 8.67 5.38
C SER D 94 -23.27 8.67 5.77
N VAL D 95 -22.57 7.65 5.30
CA VAL D 95 -21.13 7.51 5.48
C VAL D 95 -20.51 7.21 4.13
N ARG D 96 -19.51 7.99 3.74
CA ARG D 96 -18.85 7.84 2.45
C ARG D 96 -17.48 7.21 2.68
N ILE D 97 -17.27 6.04 2.08
CA ILE D 97 -16.02 5.30 2.21
C ILE D 97 -15.25 5.44 0.91
N THR D 98 -13.99 5.87 1.01
CA THR D 98 -13.10 6.04 -0.12
C THR D 98 -11.85 5.21 0.09
N ASP D 99 -11.46 4.47 -0.96
CA ASP D 99 -10.27 3.64 -0.96
C ASP D 99 -9.52 3.92 -2.26
N ASP D 100 -8.20 4.14 -2.16
CA ASP D 100 -7.41 4.46 -3.34
C ASP D 100 -6.64 3.25 -3.89
N ASN D 101 -6.67 2.11 -3.20
CA ASN D 101 -6.06 0.89 -3.70
C ASN D 101 -6.93 -0.31 -3.31
N CYS D 102 -8.19 -0.25 -3.74
CA CYS D 102 -9.13 -1.34 -3.49
C CYS D 102 -8.57 -2.67 -3.94
N VAL D 103 -8.91 -3.73 -3.21
CA VAL D 103 -8.36 -5.03 -3.58
C VAL D 103 -9.10 -5.65 -4.77
N TRP D 104 -10.40 -5.34 -4.95
CA TRP D 104 -11.21 -6.10 -5.89
C TRP D 104 -10.90 -5.75 -7.33
N CYS D 105 -10.70 -4.46 -7.63
CA CYS D 105 -10.53 -3.99 -9.00
C CYS D 105 -9.07 -3.72 -9.36
N GLN D 106 -8.12 -4.38 -8.70
CA GLN D 106 -6.71 -4.17 -8.98
C GLN D 106 -6.41 -4.37 -10.46
N GLU D 107 -5.77 -3.36 -11.07
CA GLU D 107 -5.35 -3.37 -12.46
C GLU D 107 -6.51 -3.63 -13.42
N VAL D 108 -7.75 -3.47 -12.96
CA VAL D 108 -8.93 -3.64 -13.81
C VAL D 108 -9.25 -2.31 -14.46
N ASN D 109 -9.40 -2.32 -15.78
CA ASN D 109 -9.64 -1.09 -16.55
C ASN D 109 -10.59 -1.40 -17.71
N LEU D 110 -11.88 -1.46 -17.42
CA LEU D 110 -12.87 -1.51 -18.48
C LEU D 110 -13.34 -0.09 -18.80
N GLU D 111 -13.95 0.08 -19.97
CA GLU D 111 -14.34 1.39 -20.45
C GLU D 111 -15.85 1.45 -20.70
N GLY D 112 -16.42 2.63 -20.49
CA GLY D 112 -17.82 2.85 -20.78
C GLY D 112 -18.80 2.11 -19.89
N MET D 113 -18.39 1.80 -18.66
CA MET D 113 -19.24 1.07 -17.72
C MET D 113 -19.19 1.72 -16.34
N ARG D 114 -19.48 3.02 -16.28
CA ARG D 114 -19.44 3.71 -15.01
C ARG D 114 -20.63 3.41 -14.11
N GLY D 115 -21.74 2.95 -14.69
CA GLY D 115 -22.88 2.55 -13.87
C GLY D 115 -22.72 1.20 -13.20
N PHE D 116 -21.77 0.39 -13.65
CA PHE D 116 -21.55 -0.93 -13.07
C PHE D 116 -20.68 -0.81 -11.83
N GLY D 117 -21.26 -1.15 -10.67
CA GLY D 117 -20.48 -1.18 -9.45
C GLY D 117 -19.64 -2.44 -9.38
N TYR D 118 -18.43 -2.40 -9.97
CA TYR D 118 -17.58 -3.58 -10.04
C TYR D 118 -17.36 -4.19 -8.66
N CYS D 119 -17.26 -3.35 -7.64
CA CYS D 119 -16.83 -3.75 -6.31
C CYS D 119 -17.99 -3.80 -5.31
N GLU D 120 -19.22 -4.03 -5.79
CA GLU D 120 -20.41 -4.04 -4.92
C GLU D 120 -20.44 -5.22 -3.95
N ILE D 121 -19.57 -6.21 -4.14
CA ILE D 121 -19.47 -7.29 -3.16
C ILE D 121 -19.15 -6.71 -1.79
N PHE D 122 -18.35 -5.64 -1.74
CA PHE D 122 -18.07 -5.03 -0.45
C PHE D 122 -19.29 -4.34 0.13
N SER D 123 -20.15 -3.76 -0.73
CA SER D 123 -21.41 -3.20 -0.25
C SER D 123 -22.19 -4.24 0.53
N GLY D 124 -22.30 -5.44 -0.04
CA GLY D 124 -23.06 -6.49 0.62
C GLY D 124 -22.38 -7.02 1.89
N ILE D 125 -21.06 -7.18 1.83
CA ILE D 125 -20.30 -7.59 3.02
C ILE D 125 -20.55 -6.63 4.16
N LEU D 126 -20.35 -5.33 3.90
CA LEU D 126 -20.50 -4.33 4.94
C LEU D 126 -21.94 -4.26 5.43
N GLU D 127 -22.92 -4.33 4.52
CA GLU D 127 -24.31 -4.21 4.94
C GLU D 127 -24.70 -5.36 5.85
N SER D 128 -24.28 -6.59 5.52
CA SER D 128 -24.62 -7.73 6.37
C SER D 128 -23.94 -7.63 7.74
N ILE D 129 -22.67 -7.20 7.76
CA ILE D 129 -21.97 -7.07 9.04
C ILE D 129 -22.62 -6.00 9.92
N LEU D 130 -22.89 -4.84 9.33
CA LEU D 130 -23.57 -3.76 10.05
C LEU D 130 -24.91 -4.23 10.61
N GLU D 131 -25.69 -4.96 9.80
CA GLU D 131 -26.97 -5.45 10.27
C GLU D 131 -26.79 -6.40 11.45
N PHE D 132 -25.79 -7.28 11.37
CA PHE D 132 -25.51 -8.19 12.47
C PHE D 132 -25.11 -7.44 13.74
N LYS D 133 -24.60 -6.21 13.62
CA LYS D 133 -24.22 -5.44 14.79
C LYS D 133 -25.24 -4.36 15.16
N GLY D 134 -26.45 -4.44 14.61
CA GLY D 134 -27.53 -3.56 15.02
C GLY D 134 -27.66 -2.27 14.23
N VAL D 135 -26.94 -2.14 13.12
CA VAL D 135 -26.97 -0.93 12.30
C VAL D 135 -27.75 -1.26 11.04
N ASP D 136 -28.93 -0.67 10.89
CA ASP D 136 -29.72 -0.82 9.67
C ASP D 136 -29.14 0.10 8.60
N ALA D 137 -28.76 -0.46 7.47
CA ALA D 137 -28.11 0.35 6.45
C ALA D 137 -28.42 -0.22 5.06
N LYS D 138 -28.31 0.66 4.07
CA LYS D 138 -28.34 0.29 2.66
C LYS D 138 -27.05 0.82 2.03
N VAL D 139 -26.25 -0.09 1.47
CA VAL D 139 -24.94 0.29 0.96
C VAL D 139 -24.90 0.09 -0.54
N PHE D 140 -24.33 1.06 -1.24
CA PHE D 140 -24.08 0.92 -2.67
C PHE D 140 -22.76 1.56 -3.01
N GLN D 141 -22.24 1.24 -4.19
CA GLN D 141 -20.97 1.77 -4.66
C GLN D 141 -21.21 3.00 -5.52
N GLU D 142 -20.57 4.10 -5.16
CA GLU D 142 -20.73 5.33 -5.93
C GLU D 142 -19.77 5.42 -7.09
N MET D 143 -18.51 5.01 -6.90
CA MET D 143 -17.61 5.03 -8.05
C MET D 143 -16.60 3.90 -7.93
N SER D 144 -16.04 3.51 -9.07
CA SER D 144 -15.09 2.40 -9.12
C SER D 144 -13.84 2.76 -9.90
N LYS D 145 -12.69 2.39 -9.34
CA LYS D 145 -11.42 2.55 -10.07
C LYS D 145 -11.34 1.62 -11.26
N ALA D 146 -12.02 0.48 -11.21
CA ALA D 146 -12.10 -0.40 -12.38
C ALA D 146 -12.69 0.31 -13.58
N THR D 147 -13.55 1.30 -13.36
CA THR D 147 -14.34 1.94 -14.40
CA THR D 147 -14.26 1.90 -14.48
C THR D 147 -13.86 3.34 -14.74
N GLY D 148 -12.67 3.75 -14.29
CA GLY D 148 -12.12 5.05 -14.65
C GLY D 148 -11.93 6.03 -13.52
N SER D 149 -12.43 5.76 -12.32
CA SER D 149 -12.23 6.72 -11.23
C SER D 149 -10.84 6.53 -10.64
N ASP D 150 -10.37 7.59 -9.97
CA ASP D 150 -9.11 7.50 -9.26
C ASP D 150 -9.24 6.72 -7.96
N VAL D 151 -10.46 6.51 -7.48
CA VAL D 151 -10.71 5.86 -6.21
C VAL D 151 -11.99 5.03 -6.31
N CYS D 152 -12.16 4.13 -5.35
CA CYS D 152 -13.40 3.42 -5.12
C CYS D 152 -14.15 4.09 -3.97
N VAL D 153 -15.45 4.29 -4.15
CA VAL D 153 -16.26 4.95 -3.12
C VAL D 153 -17.59 4.21 -2.97
N TRP D 154 -17.90 3.85 -1.73
CA TRP D 154 -19.17 3.24 -1.33
C TRP D 154 -19.92 4.20 -0.40
N ASN D 155 -21.25 4.21 -0.52
CA ASN D 155 -22.11 5.06 0.28
CA ASN D 155 -22.12 5.07 0.29
C ASN D 155 -22.97 4.20 1.20
N VAL D 156 -22.88 4.45 2.51
CA VAL D 156 -23.64 3.74 3.52
C VAL D 156 -24.78 4.66 3.97
N ARG D 157 -26.02 4.30 3.63
CA ARG D 157 -27.20 5.05 4.05
C ARG D 157 -27.75 4.45 5.34
N LEU D 158 -27.75 5.24 6.42
CA LEU D 158 -28.20 4.78 7.73
C LEU D 158 -29.71 4.96 7.83
N VAL D 159 -30.43 3.85 7.85
CA VAL D 159 -31.89 3.87 7.83
C VAL D 159 -32.46 3.34 9.14
#